data_1Z2T
#
_entry.id   1Z2T
#
_entity_poly.entity_id   1
_entity_poly.type   'polypeptide(L)'
_entity_poly.pdbx_seq_one_letter_code
;SLKGFRLVLFVKRYVRKMRKLKL
;
_entity_poly.pdbx_strand_id   A
#
# COMPACT_ATOMS: atom_id res chain seq x y z
N SER A 1 5.76 -9.36 2.88
CA SER A 1 5.28 -9.24 4.24
C SER A 1 4.75 -10.58 4.74
N LEU A 2 4.91 -10.81 6.03
CA LEU A 2 4.46 -12.05 6.64
C LEU A 2 2.98 -11.92 7.01
N LYS A 3 2.15 -11.73 5.99
CA LYS A 3 0.73 -11.59 6.19
C LYS A 3 0.47 -10.46 7.20
N GLY A 4 -0.81 -10.20 7.43
CA GLY A 4 -1.20 -9.16 8.36
C GLY A 4 -2.31 -8.28 7.77
N PHE A 5 -3.49 -8.88 7.67
CA PHE A 5 -4.64 -8.17 7.13
C PHE A 5 -4.32 -7.56 5.77
N ARG A 6 -5.31 -6.89 5.20
CA ARG A 6 -5.14 -6.26 3.90
C ARG A 6 -4.92 -4.76 4.07
N LEU A 7 -5.37 -4.25 5.21
CA LEU A 7 -5.22 -2.83 5.50
C LEU A 7 -3.75 -2.44 5.41
N VAL A 8 -2.91 -3.28 6.00
CA VAL A 8 -1.48 -3.03 6.00
C VAL A 8 -0.96 -3.08 4.57
N LEU A 9 -1.78 -3.66 3.69
CA LEU A 9 -1.41 -3.78 2.30
C LEU A 9 -1.94 -2.57 1.53
N PHE A 10 -2.97 -1.96 2.09
CA PHE A 10 -3.57 -0.79 1.47
C PHE A 10 -2.74 0.47 1.76
N VAL A 11 -1.97 0.39 2.82
CA VAL A 11 -1.13 1.51 3.22
C VAL A 11 0.12 1.54 2.33
N LYS A 12 0.69 0.36 2.12
CA LYS A 12 1.88 0.24 1.30
C LYS A 12 1.49 0.35 -0.17
N ARG A 13 0.19 0.47 -0.40
CA ARG A 13 -0.32 0.57 -1.76
C ARG A 13 -0.30 2.03 -2.21
N TYR A 14 -0.72 2.91 -1.31
CA TYR A 14 -0.76 4.33 -1.61
C TYR A 14 0.62 4.96 -1.47
N VAL A 15 1.46 4.29 -0.69
CA VAL A 15 2.82 4.77 -0.47
C VAL A 15 3.74 4.22 -1.56
N ARG A 16 3.31 3.11 -2.14
CA ARG A 16 4.09 2.47 -3.19
C ARG A 16 3.74 3.09 -4.55
N LYS A 17 2.55 3.69 -4.60
CA LYS A 17 2.10 4.31 -5.82
C LYS A 17 2.64 5.74 -5.91
N MET A 18 3.00 6.27 -4.74
CA MET A 18 3.54 7.61 -4.66
C MET A 18 4.96 7.67 -5.24
N ARG A 19 5.79 6.76 -4.76
CA ARG A 19 7.17 6.69 -5.21
C ARG A 19 7.23 6.83 -6.73
N LYS A 20 6.44 6.00 -7.40
CA LYS A 20 6.40 6.02 -8.85
C LYS A 20 4.96 5.78 -9.32
N LEU A 21 4.34 6.87 -9.76
CA LEU A 21 2.97 6.80 -10.23
C LEU A 21 2.92 6.01 -11.54
N LYS A 22 2.27 4.86 -11.48
CA LYS A 22 2.14 4.01 -12.65
C LYS A 22 1.48 4.79 -13.78
N LEU A 23 0.22 4.47 -14.02
CA LEU A 23 -0.53 5.14 -15.06
C LEU A 23 -2.03 5.00 -14.79
N SER A 1 -8.68 -9.84 11.40
CA SER A 1 -9.35 -8.58 11.70
C SER A 1 -8.35 -7.59 12.30
N LEU A 2 -7.75 -8.00 13.41
CA LEU A 2 -6.79 -7.14 14.09
C LEU A 2 -5.45 -7.88 14.18
N LYS A 3 -4.88 -8.13 13.01
CA LYS A 3 -3.59 -8.83 12.94
C LYS A 3 -2.83 -8.34 11.71
N GLY A 4 -3.41 -8.60 10.55
CA GLY A 4 -2.79 -8.21 9.29
C GLY A 4 -3.84 -8.08 8.18
N PHE A 5 -4.74 -7.12 8.35
CA PHE A 5 -5.79 -6.89 7.38
C PHE A 5 -5.23 -6.24 6.12
N ARG A 6 -6.02 -6.30 5.06
CA ARG A 6 -5.63 -5.72 3.79
C ARG A 6 -5.22 -4.26 3.97
N LEU A 7 -5.68 -3.69 5.07
CA LEU A 7 -5.38 -2.29 5.37
C LEU A 7 -3.87 -2.06 5.22
N VAL A 8 -3.10 -2.84 5.96
CA VAL A 8 -1.65 -2.73 5.90
C VAL A 8 -1.20 -2.73 4.45
N LEU A 9 -1.65 -3.74 3.72
CA LEU A 9 -1.29 -3.87 2.32
C LEU A 9 -1.80 -2.65 1.55
N PHE A 10 -2.86 -2.06 2.09
CA PHE A 10 -3.46 -0.88 1.47
C PHE A 10 -2.62 0.37 1.75
N VAL A 11 -1.86 0.30 2.83
CA VAL A 11 -1.01 1.42 3.21
C VAL A 11 0.21 1.48 2.29
N LYS A 12 0.79 0.31 2.06
CA LYS A 12 1.95 0.22 1.19
C LYS A 12 1.52 0.41 -0.27
N ARG A 13 0.21 0.39 -0.47
CA ARG A 13 -0.34 0.56 -1.80
C ARG A 13 -0.28 2.04 -2.21
N TYR A 14 -0.68 2.89 -1.29
CA TYR A 14 -0.67 4.33 -1.54
C TYR A 14 0.73 4.89 -1.40
N VAL A 15 1.57 4.18 -0.65
CA VAL A 15 2.94 4.61 -0.44
C VAL A 15 3.82 4.06 -1.57
N ARG A 16 3.36 2.98 -2.17
CA ARG A 16 4.09 2.35 -3.26
C ARG A 16 3.72 3.00 -4.59
N LYS A 17 2.54 3.62 -4.61
CA LYS A 17 2.06 4.27 -5.81
C LYS A 17 2.53 5.73 -5.82
N MET A 18 2.87 6.22 -4.63
CA MET A 18 3.34 7.58 -4.48
C MET A 18 4.73 7.75 -5.09
N ARG A 19 5.58 6.77 -4.83
CA ARG A 19 6.94 6.79 -5.34
C ARG A 19 6.93 6.86 -6.87
N LYS A 20 6.33 5.85 -7.48
CA LYS A 20 6.25 5.79 -8.92
C LYS A 20 5.42 4.57 -9.33
N LEU A 21 4.63 4.76 -10.38
CA LEU A 21 3.79 3.68 -10.87
C LEU A 21 4.20 3.33 -12.30
N LYS A 22 3.47 2.40 -12.89
CA LYS A 22 3.75 1.97 -14.24
C LYS A 22 2.44 1.60 -14.95
N LEU A 23 2.56 1.25 -16.22
CA LEU A 23 1.40 0.87 -17.00
C LEU A 23 1.02 -0.58 -16.69
N SER A 1 2.97 -8.03 4.71
CA SER A 1 2.66 -9.30 4.10
C SER A 1 2.63 -10.40 5.17
N LEU A 2 1.63 -10.30 6.05
CA LEU A 2 1.46 -11.26 7.11
C LEU A 2 -0.02 -11.43 7.42
N LYS A 3 -0.61 -10.37 7.95
CA LYS A 3 -2.01 -10.38 8.30
C LYS A 3 -2.41 -9.02 8.89
N GLY A 4 -3.49 -8.48 8.35
CA GLY A 4 -3.97 -7.18 8.80
C GLY A 4 -5.23 -6.76 8.03
N PHE A 5 -6.08 -7.74 7.78
CA PHE A 5 -7.31 -7.49 7.06
C PHE A 5 -7.03 -7.14 5.59
N ARG A 6 -6.30 -6.05 5.41
CA ARG A 6 -5.95 -5.61 4.07
C ARG A 6 -5.57 -4.13 4.08
N LEU A 7 -6.13 -3.42 5.07
CA LEU A 7 -5.86 -1.99 5.21
C LEU A 7 -4.35 -1.77 5.27
N VAL A 8 -3.70 -2.54 6.13
CA VAL A 8 -2.26 -2.43 6.30
C VAL A 8 -1.57 -2.77 4.98
N LEU A 9 -2.32 -3.43 4.11
CA LEU A 9 -1.79 -3.81 2.81
C LEU A 9 -2.08 -2.70 1.80
N PHE A 10 -3.11 -1.92 2.11
CA PHE A 10 -3.50 -0.82 1.24
C PHE A 10 -2.60 0.40 1.46
N VAL A 11 -1.99 0.44 2.64
CA VAL A 11 -1.12 1.54 2.99
C VAL A 11 0.23 1.36 2.28
N LYS A 12 0.73 0.13 2.32
CA LYS A 12 1.99 -0.18 1.69
C LYS A 12 1.82 -0.15 0.17
N ARG A 13 0.57 0.00 -0.25
CA ARG A 13 0.27 0.06 -1.67
C ARG A 13 0.11 1.51 -2.12
N TYR A 14 -0.19 2.38 -1.17
CA TYR A 14 -0.36 3.79 -1.44
C TYR A 14 1.00 4.49 -1.55
N VAL A 15 1.96 3.96 -0.83
CA VAL A 15 3.29 4.53 -0.83
C VAL A 15 4.00 4.15 -2.12
N ARG A 16 3.53 3.07 -2.73
CA ARG A 16 4.10 2.59 -3.97
C ARG A 16 3.61 3.43 -5.15
N LYS A 17 2.46 4.08 -4.93
CA LYS A 17 1.88 4.91 -5.96
C LYS A 17 2.37 6.36 -5.79
N MET A 18 2.78 6.65 -4.56
CA MET A 18 3.28 7.99 -4.25
C MET A 18 4.60 8.27 -4.97
N ARG A 19 5.44 7.24 -5.01
CA ARG A 19 6.73 7.37 -5.67
C ARG A 19 6.56 7.36 -7.19
N LYS A 20 5.82 8.34 -7.68
CA LYS A 20 5.57 8.45 -9.10
C LYS A 20 4.67 7.30 -9.55
N LEU A 21 5.32 6.16 -9.79
CA LEU A 21 4.59 4.97 -10.23
C LEU A 21 3.54 5.37 -11.26
N LYS A 22 3.99 5.53 -12.50
CA LYS A 22 3.09 5.92 -13.57
C LYS A 22 3.24 4.92 -14.72
N LEU A 23 2.19 4.85 -15.53
CA LEU A 23 2.19 3.94 -16.67
C LEU A 23 1.53 4.64 -17.87
N SER A 1 -2.82 -15.22 6.50
CA SER A 1 -2.45 -13.88 6.08
C SER A 1 -2.23 -12.99 7.30
N LEU A 2 -1.71 -11.80 7.05
CA LEU A 2 -1.45 -10.85 8.12
C LEU A 2 -2.63 -10.84 9.09
N LYS A 3 -2.38 -10.31 10.27
CA LYS A 3 -3.42 -10.25 11.30
C LYS A 3 -4.03 -8.84 11.29
N GLY A 4 -4.45 -8.42 10.11
CA GLY A 4 -5.05 -7.10 9.96
C GLY A 4 -6.43 -7.21 9.28
N PHE A 5 -6.41 -7.10 7.96
CA PHE A 5 -7.64 -7.18 7.19
C PHE A 5 -7.36 -7.00 5.70
N ARG A 6 -6.60 -5.95 5.39
CA ARG A 6 -6.26 -5.66 4.02
C ARG A 6 -5.85 -4.19 3.88
N LEU A 7 -6.36 -3.38 4.78
CA LEU A 7 -6.05 -1.95 4.77
C LEU A 7 -4.54 -1.76 4.88
N VAL A 8 -3.95 -2.52 5.80
CA VAL A 8 -2.51 -2.44 6.01
C VAL A 8 -1.79 -2.68 4.68
N LEU A 9 -2.38 -3.53 3.87
CA LEU A 9 -1.81 -3.85 2.56
C LEU A 9 -2.06 -2.69 1.61
N PHE A 10 -3.08 -1.90 1.92
CA PHE A 10 -3.43 -0.76 1.10
C PHE A 10 -2.51 0.43 1.40
N VAL A 11 -1.95 0.41 2.60
CA VAL A 11 -1.06 1.47 3.03
C VAL A 11 0.30 1.31 2.34
N LYS A 12 0.77 0.07 2.34
CA LYS A 12 2.05 -0.24 1.72
C LYS A 12 1.92 -0.12 0.21
N ARG A 13 0.69 0.07 -0.25
CA ARG A 13 0.43 0.21 -1.66
C ARG A 13 0.31 1.69 -2.04
N TYR A 14 -0.01 2.49 -1.04
CA TYR A 14 -0.15 3.93 -1.26
C TYR A 14 1.21 4.62 -1.29
N VAL A 15 2.16 4.03 -0.57
CA VAL A 15 3.49 4.57 -0.50
C VAL A 15 4.24 4.24 -1.81
N ARG A 16 3.76 3.21 -2.48
CA ARG A 16 4.36 2.78 -3.73
C ARG A 16 3.65 3.43 -4.91
N LYS A 17 2.42 3.87 -4.65
CA LYS A 17 1.62 4.51 -5.69
C LYS A 17 1.99 6.00 -5.76
N MET A 18 2.54 6.49 -4.66
CA MET A 18 2.94 7.88 -4.58
C MET A 18 4.21 8.14 -5.39
N ARG A 19 5.21 7.33 -5.13
CA ARG A 19 6.49 7.45 -5.82
C ARG A 19 6.28 7.30 -7.33
N LYS A 20 5.70 6.17 -7.71
CA LYS A 20 5.45 5.90 -9.11
C LYS A 20 6.77 5.62 -9.83
N LEU A 21 7.25 4.39 -9.66
CA LEU A 21 8.49 3.98 -10.28
C LEU A 21 8.35 2.55 -10.81
N LYS A 22 9.07 2.29 -11.90
CA LYS A 22 9.03 0.97 -12.51
C LYS A 22 10.46 0.40 -12.56
N LEU A 23 10.61 -0.77 -11.96
CA LEU A 23 11.90 -1.43 -11.94
C LEU A 23 11.72 -2.93 -12.16
N SER A 1 -1.23 -15.50 6.69
CA SER A 1 -1.97 -15.07 5.51
C SER A 1 -3.47 -15.29 5.74
N LEU A 2 -4.23 -14.24 5.45
CA LEU A 2 -5.67 -14.29 5.61
C LEU A 2 -6.32 -13.14 4.84
N LYS A 3 -7.53 -13.38 4.38
CA LYS A 3 -8.26 -12.37 3.63
C LYS A 3 -9.10 -11.53 4.60
N GLY A 4 -8.41 -10.74 5.40
CA GLY A 4 -9.07 -9.89 6.37
C GLY A 4 -8.44 -8.50 6.40
N PHE A 5 -7.21 -8.45 6.88
CA PHE A 5 -6.48 -7.20 6.97
C PHE A 5 -5.89 -6.81 5.61
N ARG A 6 -6.61 -5.93 4.93
CA ARG A 6 -6.17 -5.47 3.62
C ARG A 6 -5.70 -4.01 3.70
N LEU A 7 -6.19 -3.33 4.73
CA LEU A 7 -5.83 -1.93 4.93
C LEU A 7 -4.31 -1.80 4.95
N VAL A 8 -3.70 -2.54 5.87
CA VAL A 8 -2.26 -2.50 6.01
C VAL A 8 -1.60 -2.69 4.65
N LEU A 9 -2.19 -3.59 3.87
CA LEU A 9 -1.69 -3.88 2.53
C LEU A 9 -1.97 -2.69 1.62
N PHE A 10 -3.04 -1.97 1.95
CA PHE A 10 -3.43 -0.82 1.17
C PHE A 10 -2.53 0.38 1.48
N VAL A 11 -1.91 0.34 2.64
CA VAL A 11 -1.02 1.41 3.06
C VAL A 11 0.30 1.29 2.30
N LYS A 12 0.81 0.07 2.24
CA LYS A 12 2.06 -0.19 1.55
C LYS A 12 1.86 -0.02 0.05
N ARG A 13 0.60 0.13 -0.33
CA ARG A 13 0.25 0.30 -1.74
C ARG A 13 0.05 1.79 -2.05
N TYR A 14 -0.21 2.55 -1.00
CA TYR A 14 -0.42 3.98 -1.16
C TYR A 14 0.90 4.74 -1.22
N VAL A 15 1.92 4.15 -0.59
CA VAL A 15 3.24 4.75 -0.58
C VAL A 15 4.01 4.32 -1.83
N ARG A 16 3.59 3.18 -2.38
CA ARG A 16 4.23 2.64 -3.57
C ARG A 16 3.65 3.30 -4.82
N LYS A 17 2.45 3.83 -4.66
CA LYS A 17 1.77 4.49 -5.77
C LYS A 17 2.23 5.95 -5.84
N MET A 18 2.70 6.45 -4.71
CA MET A 18 3.17 7.82 -4.63
C MET A 18 4.57 7.96 -5.23
N ARG A 19 5.44 7.05 -4.83
CA ARG A 19 6.81 7.05 -5.32
C ARG A 19 6.99 5.99 -6.40
N LYS A 20 6.57 6.33 -7.61
CA LYS A 20 6.69 5.42 -8.74
C LYS A 20 7.01 6.21 -10.01
N LEU A 21 6.05 7.05 -10.39
CA LEU A 21 6.20 7.87 -11.58
C LEU A 21 6.86 9.20 -11.19
N LYS A 22 8.16 9.27 -11.40
CA LYS A 22 8.91 10.48 -11.08
C LYS A 22 8.95 11.40 -12.30
N LEU A 23 8.72 10.79 -13.45
CA LEU A 23 8.73 11.54 -14.71
C LEU A 23 7.47 12.40 -14.78
N SER A 1 2.13 -4.68 12.07
CA SER A 1 3.17 -5.39 12.78
C SER A 1 3.15 -6.88 12.42
N LEU A 2 1.98 -7.47 12.56
CA LEU A 2 1.81 -8.88 12.25
C LEU A 2 0.66 -9.04 11.26
N LYS A 3 -0.53 -8.71 11.72
CA LYS A 3 -1.73 -8.81 10.89
C LYS A 3 -2.67 -7.65 11.21
N GLY A 4 -3.73 -7.57 10.43
CA GLY A 4 -4.72 -6.52 10.62
C GLY A 4 -6.05 -6.90 9.97
N PHE A 5 -6.12 -6.71 8.67
CA PHE A 5 -7.32 -7.02 7.93
C PHE A 5 -7.08 -6.93 6.41
N ARG A 6 -6.36 -5.88 6.03
CA ARG A 6 -6.05 -5.66 4.63
C ARG A 6 -5.68 -4.19 4.39
N LEU A 7 -6.21 -3.34 5.26
CA LEU A 7 -5.94 -1.92 5.15
C LEU A 7 -4.43 -1.67 5.20
N VAL A 8 -3.77 -2.44 6.07
CA VAL A 8 -2.34 -2.32 6.24
C VAL A 8 -1.65 -2.63 4.89
N LEU A 9 -2.30 -3.48 4.11
CA LEU A 9 -1.77 -3.85 2.82
C LEU A 9 -2.05 -2.74 1.81
N PHE A 10 -3.08 -1.97 2.10
CA PHE A 10 -3.46 -0.86 1.22
C PHE A 10 -2.56 0.35 1.45
N VAL A 11 -1.97 0.39 2.64
CA VAL A 11 -1.08 1.48 2.99
C VAL A 11 0.26 1.31 2.27
N LYS A 12 0.76 0.08 2.31
CA LYS A 12 2.02 -0.23 1.66
C LYS A 12 1.85 -0.16 0.14
N ARG A 13 0.60 -0.02 -0.27
CA ARG A 13 0.29 0.07 -1.68
C ARG A 13 0.13 1.54 -2.10
N TYR A 14 -0.17 2.37 -1.12
CA TYR A 14 -0.34 3.80 -1.38
C TYR A 14 1.01 4.50 -1.47
N VAL A 15 1.99 3.95 -0.78
CA VAL A 15 3.32 4.51 -0.78
C VAL A 15 4.03 4.14 -2.08
N ARG A 16 3.54 3.08 -2.70
CA ARG A 16 4.11 2.62 -3.95
C ARG A 16 3.58 3.44 -5.12
N LYS A 17 2.44 4.07 -4.89
CA LYS A 17 1.80 4.90 -5.91
C LYS A 17 2.30 6.33 -5.76
N MET A 18 2.76 6.65 -4.56
CA MET A 18 3.26 7.99 -4.28
C MET A 18 4.60 8.23 -4.99
N ARG A 19 5.46 7.23 -4.92
CA ARG A 19 6.77 7.31 -5.56
C ARG A 19 6.64 7.12 -7.07
N LYS A 20 6.02 6.01 -7.44
CA LYS A 20 5.83 5.70 -8.84
C LYS A 20 4.88 6.73 -9.48
N LEU A 21 4.71 6.60 -10.78
CA LEU A 21 3.85 7.52 -11.51
C LEU A 21 2.80 6.71 -12.28
N LYS A 22 1.56 7.17 -12.17
CA LYS A 22 0.45 6.49 -12.85
C LYS A 22 0.91 6.06 -14.25
N LEU A 23 1.13 4.76 -14.39
CA LEU A 23 1.56 4.21 -15.65
C LEU A 23 0.49 3.24 -16.17
N SER A 1 -14.75 -4.84 8.57
CA SER A 1 -13.68 -5.26 9.46
C SER A 1 -13.98 -6.64 10.05
N LEU A 2 -13.57 -7.66 9.32
CA LEU A 2 -13.78 -9.03 9.75
C LEU A 2 -12.90 -9.97 8.94
N LYS A 3 -11.67 -10.13 9.42
CA LYS A 3 -10.72 -11.00 8.76
C LYS A 3 -10.41 -10.44 7.37
N GLY A 4 -9.13 -10.42 7.03
CA GLY A 4 -8.70 -9.92 5.74
C GLY A 4 -7.30 -9.29 5.83
N PHE A 5 -7.20 -8.29 6.69
CA PHE A 5 -5.93 -7.60 6.89
C PHE A 5 -5.39 -7.06 5.55
N ARG A 6 -6.21 -6.25 4.90
CA ARG A 6 -5.84 -5.67 3.63
C ARG A 6 -5.54 -4.17 3.80
N LEU A 7 -6.05 -3.63 4.89
CA LEU A 7 -5.84 -2.21 5.18
C LEU A 7 -4.34 -1.91 5.20
N VAL A 8 -3.64 -2.65 6.06
CA VAL A 8 -2.21 -2.47 6.18
C VAL A 8 -1.54 -2.68 4.82
N LEU A 9 -2.13 -3.60 4.05
CA LEU A 9 -1.61 -3.90 2.72
C LEU A 9 -1.96 -2.76 1.77
N PHE A 10 -3.03 -2.05 2.11
CA PHE A 10 -3.48 -0.94 1.28
C PHE A 10 -2.62 0.30 1.53
N VAL A 11 -2.01 0.35 2.71
CA VAL A 11 -1.16 1.47 3.08
C VAL A 11 0.15 1.38 2.31
N LYS A 12 0.71 0.17 2.30
CA LYS A 12 1.97 -0.06 1.60
C LYS A 12 1.74 0.03 0.09
N ARG A 13 0.47 0.13 -0.28
CA ARG A 13 0.11 0.23 -1.68
C ARG A 13 0.12 1.69 -2.13
N TYR A 14 -0.32 2.56 -1.23
CA TYR A 14 -0.37 3.98 -1.52
C TYR A 14 1.04 4.58 -1.54
N VAL A 15 1.91 4.01 -0.73
CA VAL A 15 3.28 4.47 -0.65
C VAL A 15 4.02 4.09 -1.93
N ARG A 16 3.50 3.06 -2.60
CA ARG A 16 4.10 2.59 -3.83
C ARG A 16 3.55 3.38 -5.03
N LYS A 17 2.42 4.02 -4.79
CA LYS A 17 1.78 4.81 -5.84
C LYS A 17 2.29 6.25 -5.76
N MET A 18 2.85 6.59 -4.60
CA MET A 18 3.37 7.93 -4.39
C MET A 18 4.70 8.12 -5.13
N ARG A 19 5.56 7.10 -5.01
CA ARG A 19 6.86 7.14 -5.65
C ARG A 19 6.72 6.90 -7.15
N LYS A 20 5.89 5.92 -7.48
CA LYS A 20 5.66 5.57 -8.87
C LYS A 20 4.29 6.12 -9.31
N LEU A 21 4.34 7.24 -10.02
CA LEU A 21 3.12 7.87 -10.50
C LEU A 21 2.99 7.63 -12.00
N LYS A 22 3.97 8.13 -12.74
CA LYS A 22 3.97 7.97 -14.18
C LYS A 22 5.37 8.29 -14.72
N LEU A 23 6.28 7.35 -14.51
CA LEU A 23 7.65 7.52 -14.98
C LEU A 23 8.03 6.33 -15.86
N SER A 1 4.98 -10.45 8.46
CA SER A 1 4.01 -11.17 9.27
C SER A 1 2.75 -10.32 9.48
N LEU A 2 1.76 -10.93 10.10
CA LEU A 2 0.51 -10.25 10.36
C LEU A 2 -0.28 -10.12 9.06
N LYS A 3 -1.19 -11.06 8.86
CA LYS A 3 -2.02 -11.07 7.67
C LYS A 3 -3.49 -11.15 8.08
N GLY A 4 -3.92 -10.16 8.83
CA GLY A 4 -5.30 -10.12 9.29
C GLY A 4 -6.19 -9.34 8.31
N PHE A 5 -6.15 -8.02 8.45
CA PHE A 5 -6.93 -7.16 7.59
C PHE A 5 -6.17 -6.82 6.30
N ARG A 6 -6.88 -6.23 5.36
CA ARG A 6 -6.28 -5.85 4.10
C ARG A 6 -6.11 -4.33 4.02
N LEU A 7 -5.97 -3.73 5.19
CA LEU A 7 -5.79 -2.29 5.27
C LEU A 7 -4.30 -1.95 5.28
N VAL A 8 -3.58 -2.68 6.12
CA VAL A 8 -2.14 -2.46 6.23
C VAL A 8 -1.49 -2.70 4.87
N LEU A 9 -2.11 -3.59 4.09
CA LEU A 9 -1.59 -3.90 2.77
C LEU A 9 -1.95 -2.78 1.81
N PHE A 10 -3.02 -2.07 2.13
CA PHE A 10 -3.48 -0.97 1.31
C PHE A 10 -2.63 0.28 1.53
N VAL A 11 -2.03 0.33 2.72
CA VAL A 11 -1.18 1.46 3.07
C VAL A 11 0.13 1.37 2.29
N LYS A 12 0.70 0.18 2.28
CA LYS A 12 1.95 -0.05 1.58
C LYS A 12 1.71 0.05 0.07
N ARG A 13 0.44 0.13 -0.29
CA ARG A 13 0.07 0.24 -1.70
C ARG A 13 0.08 1.69 -2.14
N TYR A 14 -0.38 2.56 -1.25
CA TYR A 14 -0.43 3.98 -1.54
C TYR A 14 0.99 4.58 -1.57
N VAL A 15 1.86 4.00 -0.76
CA VAL A 15 3.23 4.46 -0.68
C VAL A 15 3.97 4.08 -1.97
N ARG A 16 3.45 3.05 -2.62
CA ARG A 16 4.04 2.58 -3.87
C ARG A 16 3.51 3.39 -5.06
N LYS A 17 2.39 4.06 -4.82
CA LYS A 17 1.78 4.87 -5.86
C LYS A 17 2.35 6.29 -5.79
N MET A 18 2.85 6.64 -4.61
CA MET A 18 3.42 7.95 -4.40
C MET A 18 4.82 8.06 -5.03
N ARG A 19 5.56 6.96 -4.91
CA ARG A 19 6.90 6.91 -5.46
C ARG A 19 6.85 6.89 -6.98
N LYS A 20 6.03 6.01 -7.52
CA LYS A 20 5.88 5.89 -8.95
C LYS A 20 5.88 7.28 -9.58
N LEU A 21 4.95 8.11 -9.11
CA LEU A 21 4.83 9.47 -9.62
C LEU A 21 5.76 10.38 -8.82
N LYS A 22 5.64 11.67 -9.11
CA LYS A 22 6.46 12.66 -8.43
C LYS A 22 5.73 13.15 -7.18
N LEU A 23 5.21 14.36 -7.27
CA LEU A 23 4.50 14.96 -6.16
C LEU A 23 5.47 15.19 -4.99
N SER A 1 -0.34 -9.81 0.35
CA SER A 1 0.29 -11.10 0.55
C SER A 1 0.66 -11.27 2.03
N LEU A 2 -0.36 -11.13 2.88
CA LEU A 2 -0.16 -11.27 4.31
C LEU A 2 -1.50 -11.14 5.02
N LYS A 3 -2.19 -12.28 5.13
CA LYS A 3 -3.49 -12.31 5.78
C LYS A 3 -3.41 -11.55 7.10
N GLY A 4 -4.10 -10.42 7.14
CA GLY A 4 -4.12 -9.59 8.34
C GLY A 4 -4.40 -8.13 7.98
N PHE A 5 -5.68 -7.80 7.97
CA PHE A 5 -6.10 -6.44 7.65
C PHE A 5 -5.58 -6.02 6.27
N ARG A 6 -6.52 -5.83 5.36
CA ARG A 6 -6.18 -5.43 4.00
C ARG A 6 -5.76 -3.95 3.98
N LEU A 7 -6.20 -3.23 5.00
CA LEU A 7 -5.87 -1.82 5.10
C LEU A 7 -4.36 -1.64 5.07
N VAL A 8 -3.69 -2.35 5.97
CA VAL A 8 -2.24 -2.28 6.06
C VAL A 8 -1.64 -2.63 4.71
N LEU A 9 -2.39 -3.40 3.93
CA LEU A 9 -1.94 -3.81 2.61
C LEU A 9 -2.13 -2.66 1.63
N PHE A 10 -3.11 -1.82 1.94
CA PHE A 10 -3.41 -0.67 1.09
C PHE A 10 -2.45 0.48 1.39
N VAL A 11 -1.87 0.44 2.58
CA VAL A 11 -0.94 1.47 2.99
C VAL A 11 0.38 1.30 2.25
N LYS A 12 0.78 0.04 2.10
CA LYS A 12 2.01 -0.28 1.41
C LYS A 12 1.87 0.08 -0.07
N ARG A 13 0.68 -0.13 -0.59
CA ARG A 13 0.40 0.16 -1.98
C ARG A 13 0.08 1.65 -2.15
N TYR A 14 0.01 2.34 -1.03
CA TYR A 14 -0.28 3.76 -1.05
C TYR A 14 0.99 4.59 -1.14
N VAL A 15 2.06 4.04 -0.58
CA VAL A 15 3.35 4.71 -0.60
C VAL A 15 4.12 4.29 -1.85
N ARG A 16 3.73 3.16 -2.40
CA ARG A 16 4.36 2.64 -3.59
C ARG A 16 3.75 3.26 -4.84
N LYS A 17 2.52 3.73 -4.69
CA LYS A 17 1.81 4.36 -5.79
C LYS A 17 2.12 5.86 -5.81
N MET A 18 2.51 6.36 -4.64
CA MET A 18 2.85 7.77 -4.51
C MET A 18 4.26 8.06 -5.02
N ARG A 19 5.11 7.05 -4.88
CA ARG A 19 6.49 7.19 -5.33
C ARG A 19 6.58 7.00 -6.84
N LYS A 20 5.96 5.93 -7.32
CA LYS A 20 5.96 5.63 -8.73
C LYS A 20 7.36 5.18 -9.15
N LEU A 21 7.51 3.87 -9.31
CA LEU A 21 8.79 3.30 -9.71
C LEU A 21 9.14 3.79 -11.11
N LYS A 22 10.24 4.53 -11.18
CA LYS A 22 10.71 5.07 -12.45
C LYS A 22 11.56 4.01 -13.16
N LEU A 23 10.91 3.31 -14.09
CA LEU A 23 11.59 2.28 -14.85
C LEU A 23 12.05 1.17 -13.90
N SER A 1 -3.61 -8.22 10.20
CA SER A 1 -2.66 -7.52 11.06
C SER A 1 -3.28 -7.27 12.43
N LEU A 2 -4.30 -6.43 12.43
CA LEU A 2 -4.99 -6.09 13.68
C LEU A 2 -6.30 -5.38 13.35
N LYS A 3 -7.39 -6.11 13.51
CA LYS A 3 -8.71 -5.57 13.23
C LYS A 3 -8.67 -4.78 11.91
N GLY A 4 -8.98 -5.48 10.84
CA GLY A 4 -8.98 -4.87 9.52
C GLY A 4 -8.39 -5.81 8.47
N PHE A 5 -7.14 -6.19 8.71
CA PHE A 5 -6.45 -7.08 7.80
C PHE A 5 -6.78 -6.76 6.34
N ARG A 6 -6.20 -5.67 5.87
CA ARG A 6 -6.44 -5.24 4.50
C ARG A 6 -6.09 -3.76 4.34
N LEU A 7 -6.19 -3.04 5.45
CA LEU A 7 -5.89 -1.61 5.45
C LEU A 7 -4.37 -1.41 5.51
N VAL A 8 -3.69 -2.49 5.86
CA VAL A 8 -2.23 -2.45 5.96
C VAL A 8 -1.62 -2.75 4.59
N LEU A 9 -2.39 -3.44 3.77
CA LEU A 9 -1.94 -3.79 2.44
C LEU A 9 -2.12 -2.58 1.51
N PHE A 10 -3.14 -1.80 1.81
CA PHE A 10 -3.42 -0.61 1.01
C PHE A 10 -2.46 0.53 1.35
N VAL A 11 -1.88 0.43 2.54
CA VAL A 11 -0.95 1.43 3.01
C VAL A 11 0.38 1.29 2.26
N LYS A 12 0.77 0.03 2.08
CA LYS A 12 2.02 -0.26 1.38
C LYS A 12 1.89 0.14 -0.08
N ARG A 13 0.68 -0.04 -0.60
CA ARG A 13 0.41 0.32 -1.99
C ARG A 13 0.09 1.80 -2.12
N TYR A 14 0.02 2.46 -0.97
CA TYR A 14 -0.27 3.88 -0.93
C TYR A 14 1.02 4.71 -0.98
N VAL A 15 2.07 4.12 -0.44
CA VAL A 15 3.37 4.79 -0.42
C VAL A 15 4.18 4.37 -1.64
N ARG A 16 3.80 3.23 -2.20
CA ARG A 16 4.48 2.72 -3.38
C ARG A 16 3.81 3.22 -4.65
N LYS A 17 2.55 3.64 -4.50
CA LYS A 17 1.80 4.15 -5.62
C LYS A 17 2.08 5.65 -5.78
N MET A 18 2.50 6.26 -4.69
CA MET A 18 2.81 7.68 -4.69
C MET A 18 4.13 7.95 -5.43
N ARG A 19 5.10 7.09 -5.18
CA ARG A 19 6.40 7.23 -5.80
C ARG A 19 6.38 6.62 -7.21
N LYS A 20 5.89 5.39 -7.28
CA LYS A 20 5.80 4.69 -8.55
C LYS A 20 4.45 4.98 -9.20
N LEU A 21 4.38 6.13 -9.87
CA LEU A 21 3.15 6.54 -10.53
C LEU A 21 2.52 5.32 -11.22
N LYS A 22 1.31 5.00 -10.77
CA LYS A 22 0.59 3.86 -11.33
C LYS A 22 0.49 4.03 -12.85
N LEU A 23 -0.69 4.42 -13.29
CA LEU A 23 -0.94 4.61 -14.71
C LEU A 23 0.28 5.33 -15.34
N SER A 1 4.98 -7.00 12.46
CA SER A 1 4.98 -8.40 12.84
C SER A 1 3.64 -8.78 13.49
N LEU A 2 2.60 -8.75 12.68
CA LEU A 2 1.27 -9.08 13.16
C LEU A 2 0.30 -9.11 11.97
N LYS A 3 0.19 -7.98 11.30
CA LYS A 3 -0.70 -7.86 10.16
C LYS A 3 -2.04 -8.51 10.49
N GLY A 4 -2.83 -8.71 9.44
CA GLY A 4 -4.14 -9.32 9.61
C GLY A 4 -5.10 -8.87 8.51
N PHE A 5 -5.41 -7.58 8.51
CA PHE A 5 -6.30 -7.01 7.52
C PHE A 5 -5.54 -6.56 6.29
N ARG A 6 -6.28 -6.30 5.22
CA ARG A 6 -5.68 -5.86 3.97
C ARG A 6 -5.37 -4.37 4.04
N LEU A 7 -6.01 -3.70 4.98
CA LEU A 7 -5.82 -2.27 5.16
C LEU A 7 -4.32 -1.96 5.16
N VAL A 8 -3.60 -2.69 6.00
CA VAL A 8 -2.16 -2.51 6.11
C VAL A 8 -1.52 -2.69 4.73
N LEU A 9 -2.05 -3.65 3.99
CA LEU A 9 -1.55 -3.93 2.65
C LEU A 9 -1.91 -2.77 1.72
N PHE A 10 -3.00 -2.09 2.06
CA PHE A 10 -3.47 -0.98 1.27
C PHE A 10 -2.61 0.27 1.53
N VAL A 11 -2.00 0.29 2.70
CA VAL A 11 -1.16 1.41 3.10
C VAL A 11 0.14 1.35 2.31
N LYS A 12 0.73 0.16 2.26
CA LYS A 12 1.97 -0.03 1.54
C LYS A 12 1.73 0.12 0.05
N ARG A 13 0.45 0.18 -0.31
CA ARG A 13 0.07 0.32 -1.71
C ARG A 13 0.09 1.80 -2.11
N TYR A 14 -0.36 2.64 -1.19
CA TYR A 14 -0.40 4.07 -1.44
C TYR A 14 1.00 4.67 -1.43
N VAL A 15 1.88 4.05 -0.65
CA VAL A 15 3.25 4.50 -0.54
C VAL A 15 4.01 4.13 -1.82
N ARG A 16 3.50 3.11 -2.49
CA ARG A 16 4.11 2.63 -3.73
C ARG A 16 3.54 3.38 -4.93
N LYS A 17 2.37 3.96 -4.71
CA LYS A 17 1.70 4.71 -5.76
C LYS A 17 2.25 6.13 -5.80
N MET A 18 2.80 6.55 -4.68
CA MET A 18 3.37 7.88 -4.57
C MET A 18 4.77 7.94 -5.19
N ARG A 19 5.58 6.94 -4.84
CA ARG A 19 6.93 6.86 -5.36
C ARG A 19 6.91 6.43 -6.83
N LYS A 20 6.17 5.38 -7.09
CA LYS A 20 6.05 4.85 -8.44
C LYS A 20 4.72 5.31 -9.06
N LEU A 21 4.80 6.39 -9.83
CA LEU A 21 3.62 6.93 -10.48
C LEU A 21 3.76 6.79 -12.00
N LYS A 22 2.66 7.06 -12.68
CA LYS A 22 2.66 6.97 -14.14
C LYS A 22 3.41 8.16 -14.72
N LEU A 23 2.63 9.11 -15.23
CA LEU A 23 3.22 10.30 -15.82
C LEU A 23 3.07 11.48 -14.86
N SER A 1 -9.43 -1.00 17.34
CA SER A 1 -8.97 0.20 16.66
C SER A 1 -8.57 -0.13 15.22
N LEU A 2 -7.63 -1.04 15.10
CA LEU A 2 -7.15 -1.46 13.79
C LEU A 2 -8.29 -2.09 13.00
N LYS A 3 -9.08 -1.23 12.38
CA LYS A 3 -10.21 -1.68 11.59
C LYS A 3 -9.88 -1.54 10.10
N GLY A 4 -10.24 -2.57 9.34
CA GLY A 4 -10.00 -2.57 7.91
C GLY A 4 -9.21 -3.82 7.49
N PHE A 5 -8.11 -4.05 8.19
CA PHE A 5 -7.27 -5.20 7.89
C PHE A 5 -6.52 -5.01 6.57
N ARG A 6 -7.30 -4.83 5.52
CA ARG A 6 -6.73 -4.63 4.19
C ARG A 6 -6.11 -3.24 4.08
N LEU A 7 -6.49 -2.38 5.02
CA LEU A 7 -5.99 -1.01 5.03
C LEU A 7 -4.45 -1.04 5.02
N VAL A 8 -3.91 -1.97 5.79
CA VAL A 8 -2.46 -2.11 5.88
C VAL A 8 -1.90 -2.39 4.48
N LEU A 9 -2.33 -3.51 3.92
CA LEU A 9 -1.88 -3.90 2.59
C LEU A 9 -2.09 -2.74 1.62
N PHE A 10 -3.00 -1.85 2.00
CA PHE A 10 -3.31 -0.70 1.17
C PHE A 10 -2.35 0.46 1.47
N VAL A 11 -1.76 0.41 2.65
CA VAL A 11 -0.82 1.44 3.05
C VAL A 11 0.50 1.25 2.30
N LYS A 12 0.86 -0.01 2.12
CA LYS A 12 2.09 -0.33 1.41
C LYS A 12 1.94 0.04 -0.06
N ARG A 13 0.76 -0.19 -0.59
CA ARG A 13 0.47 0.12 -1.97
C ARG A 13 0.14 1.61 -2.13
N TYR A 14 0.10 2.30 -1.00
CA TYR A 14 -0.20 3.72 -1.00
C TYR A 14 1.09 4.54 -1.11
N VAL A 15 2.16 3.99 -0.56
CA VAL A 15 3.45 4.67 -0.59
C VAL A 15 4.20 4.26 -1.86
N ARG A 16 3.80 3.12 -2.40
CA ARG A 16 4.43 2.60 -3.60
C ARG A 16 3.79 3.23 -4.84
N LYS A 17 2.57 3.71 -4.67
CA LYS A 17 1.84 4.34 -5.76
C LYS A 17 2.07 5.85 -5.71
N MET A 18 2.43 6.32 -4.52
CA MET A 18 2.68 7.74 -4.33
C MET A 18 3.98 8.17 -5.04
N ARG A 19 5.01 7.37 -4.85
CA ARG A 19 6.29 7.66 -5.46
C ARG A 19 6.44 6.89 -6.78
N LYS A 20 5.79 7.41 -7.81
CA LYS A 20 5.84 6.79 -9.12
C LYS A 20 7.29 6.54 -9.50
N LEU A 21 7.52 5.42 -10.17
CA LEU A 21 8.86 5.06 -10.61
C LEU A 21 8.77 3.89 -11.59
N LYS A 22 8.29 2.77 -11.09
CA LYS A 22 8.16 1.58 -11.92
C LYS A 22 6.86 0.85 -11.56
N LEU A 23 6.13 0.45 -12.59
CA LEU A 23 4.87 -0.24 -12.39
C LEU A 23 4.73 -1.34 -13.45
N SER A 1 -5.97 2.94 13.04
CA SER A 1 -4.96 3.19 12.02
C SER A 1 -4.09 1.95 11.84
N LEU A 2 -3.47 1.54 12.95
CA LEU A 2 -2.60 0.37 12.93
C LEU A 2 -3.43 -0.87 12.64
N LYS A 3 -4.74 -0.74 12.85
CA LYS A 3 -5.65 -1.84 12.62
C LYS A 3 -6.06 -1.86 11.14
N GLY A 4 -6.25 -3.07 10.63
CA GLY A 4 -6.62 -3.24 9.23
C GLY A 4 -5.92 -4.45 8.61
N PHE A 5 -6.54 -5.61 8.78
CA PHE A 5 -5.99 -6.84 8.25
C PHE A 5 -5.39 -6.61 6.86
N ARG A 6 -6.21 -6.06 5.98
CA ARG A 6 -5.78 -5.79 4.61
C ARG A 6 -5.47 -4.30 4.45
N LEU A 7 -6.06 -3.50 5.32
CA LEU A 7 -5.86 -2.06 5.28
C LEU A 7 -4.35 -1.77 5.29
N VAL A 8 -3.63 -2.54 6.08
CA VAL A 8 -2.19 -2.38 6.18
C VAL A 8 -1.56 -2.60 4.81
N LEU A 9 -2.09 -3.59 4.09
CA LEU A 9 -1.58 -3.91 2.77
C LEU A 9 -1.94 -2.78 1.81
N PHE A 10 -3.02 -2.09 2.11
CA PHE A 10 -3.47 -0.98 1.29
C PHE A 10 -2.61 0.27 1.52
N VAL A 11 -2.00 0.31 2.69
CA VAL A 11 -1.15 1.43 3.05
C VAL A 11 0.17 1.34 2.27
N LYS A 12 0.73 0.14 2.25
CA LYS A 12 1.98 -0.09 1.55
C LYS A 12 1.74 0.04 0.04
N ARG A 13 0.46 0.11 -0.32
CA ARG A 13 0.09 0.23 -1.72
C ARG A 13 0.08 1.71 -2.13
N TYR A 14 -0.34 2.55 -1.21
CA TYR A 14 -0.40 3.98 -1.46
C TYR A 14 1.00 4.59 -1.49
N VAL A 15 1.89 3.98 -0.74
CA VAL A 15 3.27 4.45 -0.68
C VAL A 15 3.99 4.06 -1.96
N ARG A 16 3.47 3.03 -2.60
CA ARG A 16 4.06 2.55 -3.84
C ARG A 16 3.55 3.38 -5.03
N LYS A 17 2.41 4.00 -4.82
CA LYS A 17 1.80 4.82 -5.86
C LYS A 17 2.33 6.25 -5.75
N MET A 18 2.85 6.57 -4.57
CA MET A 18 3.39 7.89 -4.32
C MET A 18 4.72 8.09 -5.07
N ARG A 19 5.56 7.06 -4.98
CA ARG A 19 6.87 7.11 -5.64
C ARG A 19 6.69 7.15 -7.16
N LYS A 20 5.69 6.41 -7.63
CA LYS A 20 5.41 6.34 -9.05
C LYS A 20 6.67 5.89 -9.80
N LEU A 21 6.48 5.59 -11.07
CA LEU A 21 7.58 5.13 -11.90
C LEU A 21 8.60 6.26 -12.05
N LYS A 22 9.68 6.16 -11.28
CA LYS A 22 10.72 7.16 -11.32
C LYS A 22 11.04 7.50 -12.78
N LEU A 23 11.79 6.62 -13.42
CA LEU A 23 12.17 6.82 -14.80
C LEU A 23 10.90 7.03 -15.65
N SER A 1 -14.41 -4.78 6.19
CA SER A 1 -14.26 -5.49 7.45
C SER A 1 -14.97 -6.84 7.37
N LEU A 2 -14.69 -7.68 8.36
CA LEU A 2 -15.30 -9.00 8.41
C LEU A 2 -14.84 -9.82 7.22
N LYS A 3 -14.03 -10.83 7.50
CA LYS A 3 -13.52 -11.69 6.45
C LYS A 3 -13.06 -10.84 5.27
N GLY A 4 -11.81 -10.40 5.34
CA GLY A 4 -11.24 -9.58 4.29
C GLY A 4 -10.45 -8.41 4.87
N PHE A 5 -9.35 -8.76 5.54
CA PHE A 5 -8.49 -7.74 6.14
C PHE A 5 -7.33 -7.39 5.22
N ARG A 6 -7.38 -6.16 4.71
CA ARG A 6 -6.34 -5.68 3.82
C ARG A 6 -6.14 -4.18 3.99
N LEU A 7 -5.76 -3.80 5.19
CA LEU A 7 -5.54 -2.40 5.51
C LEU A 7 -4.04 -2.09 5.38
N VAL A 8 -3.25 -2.75 6.20
CA VAL A 8 -1.81 -2.55 6.19
C VAL A 8 -1.28 -2.80 4.77
N LEU A 9 -2.01 -3.63 4.04
CA LEU A 9 -1.63 -3.95 2.67
C LEU A 9 -2.04 -2.81 1.75
N PHE A 10 -3.02 -2.04 2.20
CA PHE A 10 -3.51 -0.92 1.43
C PHE A 10 -2.67 0.33 1.69
N VAL A 11 -1.98 0.32 2.81
CA VAL A 11 -1.13 1.44 3.18
C VAL A 11 0.19 1.36 2.41
N LYS A 12 0.59 0.14 2.12
CA LYS A 12 1.83 -0.09 1.39
C LYS A 12 1.55 0.03 -0.11
N ARG A 13 0.30 0.33 -0.43
CA ARG A 13 -0.10 0.48 -1.82
C ARG A 13 -0.03 1.95 -2.24
N TYR A 14 -0.61 2.80 -1.40
CA TYR A 14 -0.62 4.23 -1.66
C TYR A 14 0.81 4.79 -1.67
N VAL A 15 1.66 4.17 -0.87
CA VAL A 15 3.04 4.60 -0.77
C VAL A 15 3.77 4.25 -2.08
N ARG A 16 3.68 2.98 -2.44
CA ARG A 16 4.32 2.50 -3.65
C ARG A 16 3.79 3.27 -4.87
N LYS A 17 2.61 3.83 -4.70
CA LYS A 17 1.98 4.59 -5.77
C LYS A 17 2.47 6.04 -5.72
N MET A 18 2.93 6.43 -4.54
CA MET A 18 3.42 7.78 -4.34
C MET A 18 4.86 7.92 -4.85
N ARG A 19 5.67 6.92 -4.53
CA ARG A 19 7.06 6.92 -4.95
C ARG A 19 7.18 7.39 -6.40
N LYS A 20 6.52 6.65 -7.28
CA LYS A 20 6.54 6.98 -8.70
C LYS A 20 5.55 6.09 -9.44
N LEU A 21 4.28 6.50 -9.42
CA LEU A 21 3.23 5.75 -10.08
C LEU A 21 3.22 4.32 -9.54
N LYS A 22 2.13 3.63 -9.83
CA LYS A 22 1.97 2.26 -9.38
C LYS A 22 1.58 1.37 -10.57
N LEU A 23 2.57 1.08 -11.40
CA LEU A 23 2.35 0.25 -12.58
C LEU A 23 1.02 0.65 -13.23
N SER A 1 -0.73 -10.28 13.09
CA SER A 1 -1.25 -9.70 11.86
C SER A 1 -1.83 -10.80 10.97
N LEU A 2 -3.11 -11.06 11.15
CA LEU A 2 -3.79 -12.08 10.38
C LEU A 2 -4.65 -11.41 9.30
N LYS A 3 -5.60 -10.62 9.75
CA LYS A 3 -6.48 -9.91 8.84
C LYS A 3 -6.73 -8.50 9.37
N GLY A 4 -7.37 -7.69 8.53
CA GLY A 4 -7.67 -6.32 8.89
C GLY A 4 -8.01 -5.48 7.66
N PHE A 5 -9.02 -5.95 6.92
CA PHE A 5 -9.45 -5.27 5.72
C PHE A 5 -8.25 -4.84 4.87
N ARG A 6 -7.21 -5.66 4.91
CA ARG A 6 -6.00 -5.38 4.15
C ARG A 6 -5.67 -3.90 4.23
N LEU A 7 -5.94 -3.31 5.38
CA LEU A 7 -5.67 -1.90 5.60
C LEU A 7 -4.17 -1.66 5.48
N VAL A 8 -3.40 -2.52 6.13
CA VAL A 8 -1.96 -2.41 6.11
C VAL A 8 -1.45 -2.65 4.69
N LEU A 9 -2.02 -3.67 4.06
CA LEU A 9 -1.63 -4.02 2.69
C LEU A 9 -2.01 -2.86 1.76
N PHE A 10 -2.99 -2.09 2.18
CA PHE A 10 -3.44 -0.96 1.40
C PHE A 10 -2.58 0.28 1.66
N VAL A 11 -1.92 0.26 2.81
CA VAL A 11 -1.07 1.37 3.20
C VAL A 11 0.25 1.29 2.42
N LYS A 12 0.63 0.06 2.10
CA LYS A 12 1.86 -0.16 1.35
C LYS A 12 1.59 0.01 -0.15
N ARG A 13 0.33 0.31 -0.45
CA ARG A 13 -0.08 0.50 -1.84
C ARG A 13 0.01 1.97 -2.22
N TYR A 14 -0.57 2.81 -1.36
CA TYR A 14 -0.55 4.25 -1.59
C TYR A 14 0.87 4.80 -1.60
N VAL A 15 1.72 4.15 -0.81
CA VAL A 15 3.11 4.56 -0.72
C VAL A 15 3.83 4.23 -2.02
N ARG A 16 3.73 2.96 -2.41
CA ARG A 16 4.37 2.50 -3.62
C ARG A 16 3.81 3.25 -4.84
N LYS A 17 2.63 3.82 -4.64
CA LYS A 17 1.98 4.56 -5.70
C LYS A 17 2.43 6.03 -5.64
N MET A 18 2.89 6.43 -4.48
CA MET A 18 3.36 7.79 -4.28
C MET A 18 4.69 8.02 -5.00
N ARG A 19 5.65 7.16 -4.69
CA ARG A 19 6.96 7.26 -5.30
C ARG A 19 6.86 7.20 -6.82
N LYS A 20 6.10 6.22 -7.29
CA LYS A 20 5.90 6.04 -8.72
C LYS A 20 4.95 7.12 -9.23
N LEU A 21 4.62 7.02 -10.52
CA LEU A 21 3.73 7.98 -11.14
C LEU A 21 4.34 9.38 -11.04
N LYS A 22 3.99 10.21 -12.02
CA LYS A 22 4.49 11.57 -12.06
C LYS A 22 3.31 12.54 -12.13
N LEU A 23 3.32 13.50 -11.21
CA LEU A 23 2.26 14.50 -11.16
C LEU A 23 2.47 15.51 -12.28
N SER A 1 1.91 -11.16 7.36
CA SER A 1 0.86 -11.76 6.56
C SER A 1 -0.47 -11.08 6.85
N LEU A 2 -0.87 -11.13 8.11
CA LEU A 2 -2.12 -10.53 8.54
C LEU A 2 -3.23 -10.92 7.56
N LYS A 3 -3.74 -12.13 7.75
CA LYS A 3 -4.80 -12.63 6.90
C LYS A 3 -6.16 -12.33 7.55
N GLY A 4 -6.77 -11.25 7.10
CA GLY A 4 -8.06 -10.84 7.63
C GLY A 4 -8.60 -9.62 6.88
N PHE A 5 -7.93 -8.49 7.09
CA PHE A 5 -8.32 -7.25 6.44
C PHE A 5 -7.33 -6.85 5.36
N ARG A 6 -7.62 -5.74 4.70
CA ARG A 6 -6.76 -5.24 3.64
C ARG A 6 -6.50 -3.75 3.83
N LEU A 7 -6.01 -3.40 5.01
CA LEU A 7 -5.72 -2.01 5.33
C LEU A 7 -4.21 -1.79 5.29
N VAL A 8 -3.51 -2.63 6.04
CA VAL A 8 -2.06 -2.54 6.10
C VAL A 8 -1.47 -2.77 4.72
N LEU A 9 -2.17 -3.60 3.95
CA LEU A 9 -1.73 -3.94 2.61
C LEU A 9 -2.08 -2.77 1.68
N PHE A 10 -3.06 -1.99 2.09
CA PHE A 10 -3.50 -0.85 1.30
C PHE A 10 -2.63 0.38 1.59
N VAL A 11 -1.97 0.34 2.74
CA VAL A 11 -1.10 1.44 3.14
C VAL A 11 0.22 1.34 2.38
N LYS A 12 0.66 0.11 2.17
CA LYS A 12 1.90 -0.13 1.46
C LYS A 12 1.66 0.03 -0.05
N ARG A 13 0.42 0.31 -0.39
CA ARG A 13 0.05 0.49 -1.78
C ARG A 13 0.15 1.97 -2.18
N TYR A 14 -0.41 2.81 -1.33
CA TYR A 14 -0.38 4.25 -1.57
C TYR A 14 1.04 4.78 -1.58
N VAL A 15 1.88 4.15 -0.76
CA VAL A 15 3.28 4.55 -0.67
C VAL A 15 3.98 4.23 -1.98
N ARG A 16 3.86 2.97 -2.39
CA ARG A 16 4.48 2.53 -3.63
C ARG A 16 3.85 3.24 -4.83
N LYS A 17 2.64 3.73 -4.61
CA LYS A 17 1.92 4.43 -5.66
C LYS A 17 2.27 5.92 -5.61
N MET A 18 2.79 6.33 -4.47
CA MET A 18 3.18 7.72 -4.28
C MET A 18 4.40 8.07 -5.12
N ARG A 19 5.45 7.27 -4.95
CA ARG A 19 6.68 7.49 -5.69
C ARG A 19 6.45 7.26 -7.18
N LYS A 20 5.58 6.29 -7.47
CA LYS A 20 5.27 5.97 -8.85
C LYS A 20 3.77 5.67 -8.97
N LEU A 21 3.06 6.62 -9.57
CA LEU A 21 1.63 6.47 -9.75
C LEU A 21 1.34 6.06 -11.20
N LYS A 22 0.52 5.04 -11.33
CA LYS A 22 0.15 4.53 -12.65
C LYS A 22 1.42 4.07 -13.38
N LEU A 23 1.21 3.29 -14.42
CA LEU A 23 2.32 2.78 -15.21
C LEU A 23 2.82 3.88 -16.14
N SER A 1 2.84 -7.66 6.15
CA SER A 1 1.69 -7.85 7.02
C SER A 1 0.91 -9.09 6.59
N LEU A 2 0.73 -10.00 7.54
CA LEU A 2 0.00 -11.22 7.26
C LEU A 2 -0.69 -11.70 8.54
N LYS A 3 -2.00 -11.48 8.59
CA LYS A 3 -2.78 -11.88 9.75
C LYS A 3 -4.25 -12.08 9.33
N GLY A 4 -4.87 -10.96 8.97
CA GLY A 4 -6.26 -10.99 8.55
C GLY A 4 -6.60 -9.77 7.69
N PHE A 5 -6.79 -8.64 8.37
CA PHE A 5 -7.11 -7.41 7.69
C PHE A 5 -6.24 -7.22 6.44
N ARG A 6 -6.64 -6.25 5.62
CA ARG A 6 -5.91 -5.97 4.39
C ARG A 6 -5.66 -4.47 4.27
N LEU A 7 -5.82 -3.78 5.39
CA LEU A 7 -5.61 -2.33 5.42
C LEU A 7 -4.12 -2.03 5.30
N VAL A 8 -3.34 -2.72 6.12
CA VAL A 8 -1.90 -2.54 6.11
C VAL A 8 -1.37 -2.77 4.70
N LEU A 9 -2.04 -3.67 3.99
CA LEU A 9 -1.64 -3.98 2.62
C LEU A 9 -2.02 -2.81 1.71
N PHE A 10 -3.02 -2.07 2.13
CA PHE A 10 -3.49 -0.93 1.36
C PHE A 10 -2.65 0.31 1.65
N VAL A 11 -1.97 0.28 2.79
CA VAL A 11 -1.12 1.39 3.20
C VAL A 11 0.20 1.32 2.43
N LYS A 12 0.59 0.09 2.11
CA LYS A 12 1.83 -0.13 1.39
C LYS A 12 1.57 0.04 -0.11
N ARG A 13 0.33 0.34 -0.44
CA ARG A 13 -0.05 0.53 -1.82
C ARG A 13 0.03 2.01 -2.21
N TYR A 14 -0.56 2.84 -1.36
CA TYR A 14 -0.56 4.28 -1.59
C TYR A 14 0.87 4.83 -1.57
N VAL A 15 1.71 4.18 -0.78
CA VAL A 15 3.10 4.60 -0.65
C VAL A 15 3.83 4.28 -1.96
N ARG A 16 3.75 3.02 -2.36
CA ARG A 16 4.40 2.58 -3.57
C ARG A 16 3.80 3.29 -4.78
N LYS A 17 2.59 3.79 -4.60
CA LYS A 17 1.90 4.50 -5.67
C LYS A 17 2.37 5.96 -5.69
N MET A 18 2.94 6.38 -4.57
CA MET A 18 3.43 7.75 -4.45
C MET A 18 4.78 7.90 -5.16
N ARG A 19 5.67 6.97 -4.87
CA ARG A 19 7.00 6.99 -5.47
C ARG A 19 7.01 6.17 -6.76
N LYS A 20 6.53 6.80 -7.84
CA LYS A 20 6.49 6.15 -9.13
C LYS A 20 6.66 7.20 -10.23
N LEU A 21 5.73 8.14 -10.25
CA LEU A 21 5.77 9.20 -11.24
C LEU A 21 6.14 8.61 -12.61
N LYS A 22 5.20 7.86 -13.16
CA LYS A 22 5.41 7.23 -14.45
C LYS A 22 4.67 8.03 -15.54
N LEU A 23 5.44 8.50 -16.51
CA LEU A 23 4.87 9.28 -17.60
C LEU A 23 5.75 9.11 -18.85
N SER A 1 2.45 0.06 11.27
CA SER A 1 2.04 -0.96 12.20
C SER A 1 1.26 -2.06 11.45
N LEU A 2 1.70 -3.29 11.65
CA LEU A 2 1.05 -4.42 11.00
C LEU A 2 0.09 -5.08 11.99
N LYS A 3 -0.92 -5.74 11.44
CA LYS A 3 -1.92 -6.41 12.25
C LYS A 3 -2.46 -7.63 11.50
N GLY A 4 -3.25 -7.33 10.47
CA GLY A 4 -3.83 -8.39 9.65
C GLY A 4 -4.74 -7.80 8.57
N PHE A 5 -5.53 -6.81 8.97
CA PHE A 5 -6.44 -6.17 8.06
C PHE A 5 -5.72 -5.71 6.79
N ARG A 6 -6.39 -5.91 5.66
CA ARG A 6 -5.83 -5.54 4.38
C ARG A 6 -5.42 -4.06 4.39
N LEU A 7 -6.01 -3.32 5.32
CA LEU A 7 -5.72 -1.90 5.45
C LEU A 7 -4.22 -1.68 5.37
N VAL A 8 -3.48 -2.53 6.09
CA VAL A 8 -2.03 -2.45 6.10
C VAL A 8 -1.50 -2.64 4.69
N LEU A 9 -1.99 -3.70 4.05
CA LEU A 9 -1.57 -4.01 2.70
C LEU A 9 -1.95 -2.86 1.77
N PHE A 10 -2.97 -2.12 2.18
CA PHE A 10 -3.44 -0.99 1.40
C PHE A 10 -2.59 0.25 1.67
N VAL A 11 -1.92 0.24 2.81
CA VAL A 11 -1.08 1.36 3.19
C VAL A 11 0.23 1.29 2.40
N LYS A 12 0.68 0.07 2.16
CA LYS A 12 1.91 -0.14 1.42
C LYS A 12 1.64 0.01 -0.08
N ARG A 13 0.37 0.27 -0.39
CA ARG A 13 -0.04 0.44 -1.78
C ARG A 13 0.03 1.92 -2.17
N TYR A 14 -0.54 2.75 -1.30
CA TYR A 14 -0.56 4.18 -1.54
C TYR A 14 0.87 4.75 -1.58
N VAL A 15 1.74 4.14 -0.78
CA VAL A 15 3.12 4.58 -0.73
C VAL A 15 3.81 4.26 -2.06
N ARG A 16 3.70 3.00 -2.46
CA ARG A 16 4.32 2.57 -3.70
C ARG A 16 3.72 3.33 -4.89
N LYS A 17 2.52 3.87 -4.65
CA LYS A 17 1.84 4.63 -5.69
C LYS A 17 2.36 6.07 -5.68
N MET A 18 2.92 6.46 -4.55
CA MET A 18 3.45 7.80 -4.39
C MET A 18 4.86 7.90 -4.99
N ARG A 19 5.67 6.91 -4.65
CA ARG A 19 7.05 6.88 -5.14
C ARG A 19 7.07 6.91 -6.67
N LYS A 20 6.26 6.05 -7.26
CA LYS A 20 6.17 5.96 -8.71
C LYS A 20 5.14 4.90 -9.10
N LEU A 21 4.80 4.90 -10.37
CA LEU A 21 3.83 3.94 -10.88
C LEU A 21 4.51 3.06 -11.94
N LYS A 22 5.37 2.17 -11.46
CA LYS A 22 6.08 1.27 -12.35
C LYS A 22 5.13 0.17 -12.83
N LEU A 23 5.64 -0.66 -13.73
CA LEU A 23 4.85 -1.75 -14.27
C LEU A 23 4.58 -2.79 -13.18
N SER A 1 -2.99 -11.26 2.17
CA SER A 1 -4.43 -11.06 2.12
C SER A 1 -5.15 -12.34 2.54
N LEU A 2 -5.42 -12.43 3.83
CA LEU A 2 -6.11 -13.60 4.37
C LEU A 2 -6.77 -13.23 5.70
N LYS A 3 -7.55 -14.17 6.22
CA LYS A 3 -8.24 -13.95 7.47
C LYS A 3 -9.45 -13.04 7.24
N GLY A 4 -9.15 -11.77 7.00
CA GLY A 4 -10.19 -10.79 6.76
C GLY A 4 -9.73 -9.39 7.15
N PHE A 5 -8.67 -8.94 6.50
CA PHE A 5 -8.12 -7.62 6.76
C PHE A 5 -7.04 -7.26 5.73
N ARG A 6 -7.28 -6.16 5.04
CA ARG A 6 -6.34 -5.69 4.03
C ARG A 6 -6.14 -4.18 4.16
N LEU A 7 -5.71 -3.76 5.34
CA LEU A 7 -5.46 -2.36 5.60
C LEU A 7 -3.98 -2.06 5.45
N VAL A 8 -3.18 -2.77 6.24
CA VAL A 8 -1.74 -2.58 6.22
C VAL A 8 -1.22 -2.91 4.81
N LEU A 9 -2.07 -3.58 4.05
CA LEU A 9 -1.71 -3.96 2.68
C LEU A 9 -2.09 -2.81 1.74
N PHE A 10 -3.08 -2.04 2.16
CA PHE A 10 -3.54 -0.92 1.36
C PHE A 10 -2.71 0.33 1.64
N VAL A 11 -2.04 0.32 2.79
CA VAL A 11 -1.21 1.45 3.18
C VAL A 11 0.13 1.36 2.46
N LYS A 12 0.50 0.13 2.10
CA LYS A 12 1.76 -0.10 1.41
C LYS A 12 1.53 0.06 -0.10
N ARG A 13 0.28 0.32 -0.46
CA ARG A 13 -0.06 0.49 -1.86
C ARG A 13 0.02 1.97 -2.25
N TYR A 14 -0.58 2.81 -1.42
CA TYR A 14 -0.57 4.24 -1.66
C TYR A 14 0.85 4.79 -1.65
N VAL A 15 1.68 4.18 -0.82
CA VAL A 15 3.07 4.60 -0.70
C VAL A 15 3.80 4.29 -2.00
N ARG A 16 3.72 3.03 -2.40
CA ARG A 16 4.37 2.58 -3.63
C ARG A 16 3.80 3.32 -4.83
N LYS A 17 2.60 3.85 -4.65
CA LYS A 17 1.92 4.58 -5.71
C LYS A 17 2.44 6.02 -5.73
N MET A 18 2.96 6.45 -4.58
CA MET A 18 3.48 7.79 -4.45
C MET A 18 4.89 7.90 -5.06
N ARG A 19 5.70 6.89 -4.77
CA ARG A 19 7.06 6.86 -5.27
C ARG A 19 7.09 6.25 -6.67
N LYS A 20 6.70 4.98 -6.73
CA LYS A 20 6.69 4.27 -8.00
C LYS A 20 5.42 4.64 -8.77
N LEU A 21 5.19 3.92 -9.86
CA LEU A 21 4.02 4.15 -10.69
C LEU A 21 4.11 5.56 -11.30
N LYS A 22 3.80 6.55 -10.47
CA LYS A 22 3.85 7.93 -10.92
C LYS A 22 4.50 8.79 -9.84
N LEU A 23 5.23 9.79 -10.29
CA LEU A 23 5.91 10.70 -9.37
C LEU A 23 7.01 9.94 -8.63
N SER A 1 -0.10 -10.57 7.61
CA SER A 1 0.23 -11.30 6.40
C SER A 1 -0.92 -12.23 6.02
N LEU A 2 -1.24 -13.12 6.94
CA LEU A 2 -2.31 -14.08 6.73
C LEU A 2 -3.63 -13.32 6.52
N LYS A 3 -4.68 -14.09 6.28
CA LYS A 3 -5.99 -13.51 6.06
C LYS A 3 -6.47 -12.82 7.35
N GLY A 4 -7.48 -11.99 7.20
CA GLY A 4 -8.03 -11.28 8.33
C GLY A 4 -8.37 -9.83 7.97
N PHE A 5 -7.37 -9.15 7.42
CA PHE A 5 -7.55 -7.76 7.01
C PHE A 5 -6.52 -7.36 5.95
N ARG A 6 -6.89 -6.37 5.16
CA ARG A 6 -6.02 -5.89 4.10
C ARG A 6 -5.85 -4.38 4.20
N LEU A 7 -5.59 -3.92 5.42
CA LEU A 7 -5.40 -2.50 5.68
C LEU A 7 -3.93 -2.15 5.53
N VAL A 8 -3.10 -2.87 6.27
CA VAL A 8 -1.66 -2.66 6.24
C VAL A 8 -1.15 -2.89 4.82
N LEU A 9 -1.97 -3.60 4.04
CA LEU A 9 -1.60 -3.90 2.66
C LEU A 9 -2.06 -2.76 1.75
N PHE A 10 -3.03 -2.01 2.24
CA PHE A 10 -3.57 -0.89 1.48
C PHE A 10 -2.73 0.38 1.71
N VAL A 11 -2.01 0.37 2.82
CA VAL A 11 -1.17 1.50 3.17
C VAL A 11 0.15 1.41 2.40
N LYS A 12 0.54 0.17 2.12
CA LYS A 12 1.78 -0.07 1.39
C LYS A 12 1.50 0.01 -0.11
N ARG A 13 0.27 0.34 -0.44
CA ARG A 13 -0.14 0.46 -1.83
C ARG A 13 -0.08 1.92 -2.26
N TYR A 14 -0.67 2.78 -1.45
CA TYR A 14 -0.70 4.21 -1.74
C TYR A 14 0.72 4.79 -1.71
N VAL A 15 1.57 4.15 -0.93
CA VAL A 15 2.95 4.61 -0.81
C VAL A 15 3.71 4.27 -2.09
N ARG A 16 3.64 3.00 -2.46
CA ARG A 16 4.32 2.53 -3.65
C ARG A 16 3.82 3.30 -4.88
N LYS A 17 2.63 3.86 -4.74
CA LYS A 17 2.03 4.62 -5.82
C LYS A 17 2.52 6.07 -5.76
N MET A 18 2.97 6.45 -4.57
CA MET A 18 3.47 7.80 -4.37
C MET A 18 4.98 7.87 -4.65
N ARG A 19 5.71 6.98 -4.00
CA ARG A 19 7.15 6.93 -4.17
C ARG A 19 7.51 6.51 -5.59
N LYS A 20 6.74 5.53 -6.09
CA LYS A 20 6.96 5.03 -7.43
C LYS A 20 6.16 5.88 -8.43
N LEU A 21 6.50 5.71 -9.71
CA LEU A 21 5.84 6.45 -10.76
C LEU A 21 5.50 5.50 -11.91
N LYS A 22 4.77 4.45 -11.58
CA LYS A 22 4.38 3.46 -12.57
C LYS A 22 2.85 3.37 -12.62
N LEU A 23 2.36 2.74 -13.67
CA LEU A 23 0.93 2.57 -13.84
C LEU A 23 0.67 1.47 -14.87
N SER A 1 5.11 -4.68 9.38
CA SER A 1 5.80 -5.96 9.29
C SER A 1 4.79 -7.09 9.12
N LEU A 2 3.87 -7.16 10.07
CA LEU A 2 2.84 -8.20 10.05
C LEU A 2 1.85 -7.95 11.19
N LYS A 3 0.63 -8.42 10.98
CA LYS A 3 -0.41 -8.26 11.98
C LYS A 3 -1.60 -9.15 11.61
N GLY A 4 -2.21 -8.83 10.48
CA GLY A 4 -3.36 -9.58 10.00
C GLY A 4 -4.50 -8.65 9.59
N PHE A 5 -4.24 -7.89 8.54
CA PHE A 5 -5.22 -6.96 8.03
C PHE A 5 -4.85 -6.45 6.64
N ARG A 6 -5.86 -6.10 5.87
CA ARG A 6 -5.65 -5.60 4.52
C ARG A 6 -5.31 -4.12 4.55
N LEU A 7 -5.61 -3.49 5.68
CA LEU A 7 -5.34 -2.07 5.86
C LEU A 7 -3.87 -1.80 5.54
N VAL A 8 -3.01 -2.61 6.13
CA VAL A 8 -1.57 -2.48 5.93
C VAL A 8 -1.25 -2.66 4.44
N LEU A 9 -2.02 -3.55 3.82
CA LEU A 9 -1.84 -3.83 2.40
C LEU A 9 -2.31 -2.64 1.57
N PHE A 10 -3.13 -1.82 2.22
CA PHE A 10 -3.67 -0.63 1.55
C PHE A 10 -2.79 0.59 1.82
N VAL A 11 -2.00 0.49 2.88
CA VAL A 11 -1.11 1.58 3.26
C VAL A 11 0.29 1.30 2.72
N LYS A 12 0.42 0.15 2.06
CA LYS A 12 1.70 -0.26 1.50
C LYS A 12 1.63 -0.16 -0.02
N ARG A 13 0.41 -0.03 -0.52
CA ARG A 13 0.19 0.08 -1.95
C ARG A 13 -0.04 1.53 -2.36
N TYR A 14 -0.30 2.36 -1.35
CA TYR A 14 -0.54 3.77 -1.59
C TYR A 14 0.76 4.57 -1.46
N VAL A 15 1.73 3.95 -0.80
CA VAL A 15 3.02 4.60 -0.60
C VAL A 15 3.89 4.38 -1.83
N ARG A 16 3.81 3.17 -2.36
CA ARG A 16 4.59 2.81 -3.55
C ARG A 16 4.01 3.48 -4.79
N LYS A 17 2.74 3.83 -4.69
CA LYS A 17 2.04 4.48 -5.80
C LYS A 17 2.45 5.96 -5.84
N MET A 18 2.85 6.48 -4.69
CA MET A 18 3.26 7.85 -4.58
C MET A 18 4.67 8.05 -5.16
N ARG A 19 5.58 7.21 -4.69
CA ARG A 19 6.95 7.28 -5.15
C ARG A 19 7.01 7.37 -6.67
N LYS A 20 6.35 6.41 -7.31
CA LYS A 20 6.32 6.38 -8.76
C LYS A 20 5.51 7.56 -9.28
N LEU A 21 4.21 7.51 -9.03
CA LEU A 21 3.32 8.57 -9.46
C LEU A 21 3.95 9.93 -9.15
N LYS A 22 4.30 10.64 -10.22
CA LYS A 22 4.91 11.94 -10.07
C LYS A 22 6.30 11.79 -9.44
N LEU A 23 7.31 12.09 -10.24
CA LEU A 23 8.69 11.99 -9.78
C LEU A 23 9.09 13.29 -9.10
N SER A 1 -6.81 1.50 12.73
CA SER A 1 -7.97 0.63 12.73
C SER A 1 -7.54 -0.84 12.79
N LEU A 2 -8.48 -1.70 13.16
CA LEU A 2 -8.20 -3.11 13.26
C LEU A 2 -9.49 -3.91 13.03
N LYS A 3 -10.07 -3.69 11.85
CA LYS A 3 -11.29 -4.37 11.49
C LYS A 3 -11.35 -4.54 9.97
N GLY A 4 -10.62 -5.53 9.49
CA GLY A 4 -10.58 -5.80 8.06
C GLY A 4 -9.14 -5.89 7.55
N PHE A 5 -8.49 -6.99 7.91
CA PHE A 5 -7.11 -7.21 7.50
C PHE A 5 -6.92 -6.89 6.02
N ARG A 6 -6.17 -5.82 5.77
CA ARG A 6 -5.90 -5.40 4.41
C ARG A 6 -5.42 -3.95 4.39
N LEU A 7 -5.84 -3.20 5.39
CA LEU A 7 -5.46 -1.81 5.50
C LEU A 7 -3.94 -1.69 5.37
N VAL A 8 -3.25 -2.47 6.20
CA VAL A 8 -1.79 -2.46 6.19
C VAL A 8 -1.30 -2.75 4.77
N LEU A 9 -2.01 -3.64 4.09
CA LEU A 9 -1.65 -4.01 2.74
C LEU A 9 -2.04 -2.88 1.78
N PHE A 10 -3.01 -2.09 2.23
CA PHE A 10 -3.48 -0.96 1.43
C PHE A 10 -2.64 0.29 1.67
N VAL A 11 -1.98 0.30 2.83
CA VAL A 11 -1.13 1.42 3.19
C VAL A 11 0.19 1.34 2.43
N LYS A 12 0.56 0.11 2.09
CA LYS A 12 1.79 -0.13 1.37
C LYS A 12 1.53 0.01 -0.14
N ARG A 13 0.28 0.29 -0.46
CA ARG A 13 -0.11 0.46 -1.86
C ARG A 13 -0.03 1.93 -2.26
N TYR A 14 -0.62 2.78 -1.41
CA TYR A 14 -0.63 4.20 -1.66
C TYR A 14 0.80 4.77 -1.67
N VAL A 15 1.65 4.14 -0.87
CA VAL A 15 3.03 4.57 -0.77
C VAL A 15 3.76 4.23 -2.07
N ARG A 16 3.67 2.97 -2.46
CA ARG A 16 4.31 2.51 -3.68
C ARG A 16 3.79 3.29 -4.88
N LYS A 17 2.61 3.88 -4.70
CA LYS A 17 1.99 4.65 -5.76
C LYS A 17 2.50 6.10 -5.68
N MET A 18 2.97 6.46 -4.50
CA MET A 18 3.49 7.81 -4.28
C MET A 18 4.89 7.97 -4.87
N ARG A 19 5.74 7.00 -4.58
CA ARG A 19 7.10 7.01 -5.07
C ARG A 19 7.12 7.26 -6.58
N LYS A 20 6.30 6.49 -7.28
CA LYS A 20 6.22 6.62 -8.73
C LYS A 20 5.55 7.94 -9.07
N LEU A 21 4.29 8.05 -8.67
CA LEU A 21 3.52 9.26 -8.94
C LEU A 21 3.12 9.29 -10.41
N LYS A 22 2.28 8.34 -10.78
CA LYS A 22 1.81 8.24 -12.16
C LYS A 22 0.44 7.56 -12.18
N LEU A 23 -0.59 8.37 -12.37
CA LEU A 23 -1.95 7.87 -12.41
C LEU A 23 -2.17 7.12 -13.73
N SER A 1 0.70 -14.13 12.45
CA SER A 1 1.25 -13.15 13.38
C SER A 1 1.07 -11.73 12.81
N LEU A 2 1.63 -11.53 11.62
CA LEU A 2 1.54 -10.23 10.97
C LEU A 2 0.08 -9.79 10.96
N LYS A 3 -0.10 -8.46 10.90
CA LYS A 3 -1.43 -7.89 10.89
C LYS A 3 -2.30 -8.65 9.88
N GLY A 4 -3.60 -8.61 10.11
CA GLY A 4 -4.53 -9.29 9.24
C GLY A 4 -5.23 -8.30 8.30
N PHE A 5 -5.84 -7.29 8.91
CA PHE A 5 -6.54 -6.27 8.15
C PHE A 5 -5.76 -5.91 6.88
N ARG A 6 -6.42 -6.09 5.74
CA ARG A 6 -5.81 -5.79 4.46
C ARG A 6 -5.43 -4.31 4.39
N LEU A 7 -6.01 -3.54 5.30
CA LEU A 7 -5.74 -2.11 5.35
C LEU A 7 -4.22 -1.88 5.25
N VAL A 8 -3.50 -2.57 6.12
CA VAL A 8 -2.05 -2.44 6.13
C VAL A 8 -1.51 -2.68 4.72
N LEU A 9 -2.07 -3.68 4.06
CA LEU A 9 -1.65 -4.01 2.71
C LEU A 9 -2.01 -2.87 1.77
N PHE A 10 -3.01 -2.10 2.18
CA PHE A 10 -3.47 -0.97 1.39
C PHE A 10 -2.60 0.26 1.65
N VAL A 11 -1.95 0.25 2.79
CA VAL A 11 -1.08 1.36 3.17
C VAL A 11 0.23 1.27 2.40
N LYS A 12 0.65 0.04 2.16
CA LYS A 12 1.89 -0.19 1.43
C LYS A 12 1.63 -0.04 -0.07
N ARG A 13 0.38 0.27 -0.40
CA ARG A 13 -0.01 0.44 -1.78
C ARG A 13 0.06 1.92 -2.17
N TYR A 14 -0.52 2.75 -1.32
CA TYR A 14 -0.54 4.18 -1.56
C TYR A 14 0.89 4.75 -1.55
N VAL A 15 1.75 4.10 -0.78
CA VAL A 15 3.13 4.52 -0.68
C VAL A 15 3.85 4.27 -2.01
N ARG A 16 3.76 3.03 -2.46
CA ARG A 16 4.39 2.65 -3.70
C ARG A 16 3.77 3.41 -4.88
N LYS A 17 2.56 3.89 -4.65
CA LYS A 17 1.84 4.64 -5.67
C LYS A 17 2.36 6.08 -5.68
N MET A 18 2.93 6.49 -4.55
CA MET A 18 3.46 7.83 -4.43
C MET A 18 4.81 7.96 -5.13
N ARG A 19 5.74 7.09 -4.73
CA ARG A 19 7.07 7.09 -5.32
C ARG A 19 6.99 6.88 -6.82
N LYS A 20 6.04 6.04 -7.22
CA LYS A 20 5.85 5.75 -8.63
C LYS A 20 7.03 4.92 -9.14
N LEU A 21 6.75 4.11 -10.16
CA LEU A 21 7.78 3.28 -10.74
C LEU A 21 9.07 4.08 -10.89
N LYS A 22 10.05 3.71 -10.07
CA LYS A 22 11.33 4.39 -10.10
C LYS A 22 12.35 3.51 -10.83
N LEU A 23 13.54 4.07 -11.02
CA LEU A 23 14.60 3.36 -11.72
C LEU A 23 15.91 4.15 -11.60
N SER A 1 2.35 -2.66 10.61
CA SER A 1 3.24 -3.38 11.49
C SER A 1 2.81 -4.84 11.59
N LEU A 2 1.58 -5.03 12.06
CA LEU A 2 1.03 -6.36 12.21
C LEU A 2 0.09 -6.66 11.05
N LYS A 3 0.02 -7.93 10.68
CA LYS A 3 -0.83 -8.37 9.59
C LYS A 3 -2.19 -8.78 10.15
N GLY A 4 -3.20 -8.02 9.77
CA GLY A 4 -4.55 -8.30 10.23
C GLY A 4 -5.58 -7.83 9.20
N PHE A 5 -5.65 -6.52 9.02
CA PHE A 5 -6.58 -5.93 8.08
C PHE A 5 -5.88 -5.57 6.77
N ARG A 6 -6.55 -5.88 5.66
CA ARG A 6 -6.00 -5.59 4.36
C ARG A 6 -5.60 -4.12 4.26
N LEU A 7 -6.17 -3.32 5.15
CA LEU A 7 -5.87 -1.90 5.17
C LEU A 7 -4.36 -1.69 5.16
N VAL A 8 -3.69 -2.44 6.03
CA VAL A 8 -2.24 -2.36 6.13
C VAL A 8 -1.62 -2.65 4.76
N LEU A 9 -2.25 -3.56 4.04
CA LEU A 9 -1.77 -3.93 2.72
C LEU A 9 -2.07 -2.79 1.74
N PHE A 10 -3.09 -2.02 2.05
CA PHE A 10 -3.47 -0.89 1.22
C PHE A 10 -2.57 0.32 1.47
N VAL A 11 -1.96 0.32 2.64
CA VAL A 11 -1.07 1.40 3.03
C VAL A 11 0.25 1.27 2.26
N LYS A 12 0.73 0.04 2.18
CA LYS A 12 1.97 -0.24 1.48
C LYS A 12 1.77 -0.03 -0.02
N ARG A 13 0.51 0.18 -0.39
CA ARG A 13 0.17 0.38 -1.79
C ARG A 13 0.18 1.88 -2.13
N TYR A 14 -0.28 2.67 -1.17
CA TYR A 14 -0.33 4.11 -1.35
C TYR A 14 1.09 4.70 -1.41
N VAL A 15 1.99 4.04 -0.71
CA VAL A 15 3.37 4.49 -0.66
C VAL A 15 4.02 4.25 -2.03
N ARG A 16 3.94 3.01 -2.48
CA ARG A 16 4.50 2.63 -3.77
C ARG A 16 3.78 3.36 -4.89
N LYS A 17 2.56 3.79 -4.60
CA LYS A 17 1.76 4.50 -5.58
C LYS A 17 2.16 5.98 -5.59
N MET A 18 2.74 6.41 -4.48
CA MET A 18 3.16 7.79 -4.34
C MET A 18 4.43 8.04 -5.16
N ARG A 19 5.39 7.14 -5.02
CA ARG A 19 6.64 7.26 -5.75
C ARG A 19 6.41 7.07 -7.24
N LYS A 20 5.61 6.07 -7.57
CA LYS A 20 5.30 5.77 -8.95
C LYS A 20 6.56 5.92 -9.80
N LEU A 21 7.30 4.81 -9.91
CA LEU A 21 8.53 4.81 -10.68
C LEU A 21 8.36 3.89 -11.90
N LYS A 22 8.63 4.46 -13.07
CA LYS A 22 8.51 3.70 -14.30
C LYS A 22 9.56 2.59 -14.31
N LEU A 23 9.10 1.40 -14.67
CA LEU A 23 9.98 0.24 -14.73
C LEU A 23 10.04 -0.28 -16.17
#